data_8INI
#
_entry.id   8INI
#
_cell.length_a   46.735
_cell.length_b   60.416
_cell.length_c   131.579
_cell.angle_alpha   90.000
_cell.angle_beta   90.000
_cell.angle_gamma   90.000
#
_symmetry.space_group_name_H-M   'C 2 2 21'
#
loop_
_entity.id
_entity.type
_entity.pdbx_description
1 polymer 'vaccinia h2 protein'
2 non-polymer 'TETRAETHYLENE GLYCOL'
3 water water
#
_entity_poly.entity_id   1
_entity_poly.type   'polypeptide(L)'
_entity_poly.pdbx_seq_one_letter_code
;AAGKDDIFEFKCVDFGAYFIAMRLDKKTYLPQAIRRGTGDAWMVKKAAKVDPSAQQFCQYLIKHKSNNVITCGNEMLNEL
GYSGYFMSPHWCSDFSNME
;
_entity_poly.pdbx_strand_id   A,B
#
# COMPACT_ATOMS: atom_id res chain seq x y z
N ASP A 5 11.93 -28.43 -4.13
CA ASP A 5 12.14 -29.27 -2.95
C ASP A 5 12.41 -28.39 -1.73
N ASP A 6 13.30 -27.42 -1.92
CA ASP A 6 13.62 -26.43 -0.91
C ASP A 6 12.40 -25.57 -0.59
N ILE A 7 11.98 -25.54 0.68
CA ILE A 7 10.81 -24.75 1.05
C ILE A 7 11.08 -23.25 1.03
N PHE A 8 12.34 -22.87 0.93
CA PHE A 8 12.67 -21.46 0.79
C PHE A 8 12.83 -21.04 -0.66
N GLU A 9 12.55 -21.94 -1.61
CA GLU A 9 12.55 -21.60 -3.03
C GLU A 9 11.16 -21.84 -3.60
N PHE A 10 10.77 -21.02 -4.56
CA PHE A 10 9.41 -21.09 -5.08
C PHE A 10 9.12 -22.47 -5.67
N LYS A 11 7.89 -22.93 -5.43
CA LYS A 11 7.32 -24.12 -6.04
C LYS A 11 5.87 -23.84 -6.35
N CYS A 12 5.36 -24.47 -7.41
CA CYS A 12 3.97 -24.30 -7.79
C CYS A 12 3.11 -25.21 -6.93
N VAL A 13 2.38 -24.63 -6.00
CA VAL A 13 1.57 -25.38 -5.04
C VAL A 13 0.14 -25.40 -5.54
N ASP A 14 -0.43 -26.61 -5.59
CA ASP A 14 -1.80 -26.83 -6.05
C ASP A 14 -2.73 -26.55 -4.88
N PHE A 15 -3.54 -25.50 -4.98
CA PHE A 15 -4.53 -25.16 -3.98
C PHE A 15 -5.90 -25.70 -4.34
N GLY A 16 -5.98 -26.57 -5.34
CA GLY A 16 -7.26 -27.11 -5.78
C GLY A 16 -7.73 -26.47 -7.06
N ALA A 17 -8.36 -25.31 -6.94
CA ALA A 17 -8.83 -24.56 -8.10
C ALA A 17 -7.74 -23.79 -8.82
N TYR A 18 -6.55 -23.66 -8.25
CA TYR A 18 -5.53 -22.82 -8.85
C TYR A 18 -4.16 -23.19 -8.31
N PHE A 19 -3.12 -22.78 -9.03
CA PHE A 19 -1.75 -22.86 -8.56
C PHE A 19 -1.30 -21.49 -8.04
N ILE A 20 -0.46 -21.52 -7.02
CA ILE A 20 0.30 -20.34 -6.62
C ILE A 20 1.76 -20.76 -6.51
N ALA A 21 2.68 -19.90 -6.94
CA ALA A 21 4.09 -20.12 -6.72
C ALA A 21 4.46 -19.58 -5.34
N MET A 22 4.83 -20.45 -4.41
CA MET A 22 5.05 -19.98 -3.06
C MET A 22 6.28 -20.62 -2.43
N ARG A 23 6.76 -19.96 -1.38
CA ARG A 23 7.91 -20.42 -0.60
C ARG A 23 7.76 -19.79 0.78
N LEU A 24 8.71 -20.08 1.66
CA LEU A 24 8.80 -19.41 2.95
C LEU A 24 9.94 -18.42 2.90
N ASP A 25 9.75 -17.23 3.51
CA ASP A 25 10.82 -16.26 3.66
C ASP A 25 11.93 -16.83 4.55
N LYS A 26 13.17 -16.74 4.10
CA LYS A 26 14.31 -17.23 4.89
C LYS A 26 14.40 -16.57 6.27
N LYS A 27 14.16 -15.26 6.34
CA LYS A 27 14.40 -14.54 7.59
C LYS A 27 13.25 -14.70 8.58
N THR A 28 12.01 -14.72 8.11
CA THR A 28 10.86 -14.71 8.99
C THR A 28 10.06 -16.00 8.97
N TYR A 29 10.39 -16.94 8.07
CA TYR A 29 9.60 -18.15 7.83
C TYR A 29 8.15 -17.85 7.43
N LEU A 30 7.83 -16.60 7.06
CA LEU A 30 6.46 -16.36 6.62
C LEU A 30 6.23 -16.80 5.18
N PRO A 31 5.03 -17.27 4.85
CA PRO A 31 4.75 -17.64 3.45
C PRO A 31 4.79 -16.45 2.52
N GLN A 32 5.33 -16.68 1.33
CA GLN A 32 5.54 -15.69 0.29
C GLN A 32 5.11 -16.27 -1.04
N ALA A 33 4.50 -15.44 -1.89
CA ALA A 33 4.04 -15.90 -3.19
C ALA A 33 4.52 -14.93 -4.27
N ILE A 34 4.72 -15.45 -5.49
CA ILE A 34 4.98 -14.56 -6.61
C ILE A 34 3.76 -13.68 -6.79
N ARG A 35 4.00 -12.37 -6.83
CA ARG A 35 2.96 -11.37 -6.75
C ARG A 35 2.47 -11.00 -8.14
N ARG A 36 1.17 -10.76 -8.27
CA ARG A 36 0.58 -10.36 -9.56
C ARG A 36 0.60 -8.84 -9.61
N GLY A 37 1.70 -8.28 -10.12
CA GLY A 37 1.80 -6.84 -10.24
C GLY A 37 1.77 -6.18 -8.88
N THR A 38 0.86 -5.23 -8.71
CA THR A 38 0.67 -4.57 -7.42
C THR A 38 -0.37 -5.27 -6.55
N GLY A 39 -0.98 -6.35 -7.05
CA GLY A 39 -2.03 -7.00 -6.27
C GLY A 39 -1.53 -8.10 -5.36
N ASP A 40 -2.32 -9.16 -5.22
CA ASP A 40 -2.03 -10.27 -4.33
C ASP A 40 -1.24 -11.33 -5.09
N ALA A 41 -1.17 -12.55 -4.54
CA ALA A 41 -0.49 -13.65 -5.22
C ALA A 41 -1.05 -13.88 -6.63
N TRP A 42 -0.16 -14.24 -7.55
CA TRP A 42 -0.55 -14.55 -8.93
C TRP A 42 -1.16 -15.94 -8.93
N MET A 43 -2.48 -16.01 -9.02
CA MET A 43 -3.15 -17.30 -9.02
C MET A 43 -3.32 -17.77 -10.45
N VAL A 44 -2.88 -18.99 -10.73
CA VAL A 44 -3.00 -19.57 -12.06
C VAL A 44 -4.17 -20.53 -12.01
N LYS A 45 -5.28 -20.16 -12.64
CA LYS A 45 -6.51 -20.92 -12.48
C LYS A 45 -6.40 -22.22 -13.27
N LYS A 46 -6.99 -23.29 -12.73
CA LYS A 46 -6.89 -24.60 -13.36
C LYS A 46 -8.20 -24.88 -14.08
N ALA A 47 -8.09 -25.38 -15.31
CA ALA A 47 -9.27 -25.73 -16.10
C ALA A 47 -9.89 -27.05 -15.70
N ALA A 48 -9.10 -27.92 -15.05
CA ALA A 48 -9.59 -29.21 -14.58
C ALA A 48 -8.76 -29.60 -13.36
N LYS A 49 -9.17 -30.66 -12.68
CA LYS A 49 -8.43 -31.12 -11.50
C LYS A 49 -6.96 -31.39 -11.83
N VAL A 50 -6.67 -31.87 -13.03
CA VAL A 50 -5.31 -31.98 -13.53
C VAL A 50 -5.20 -31.04 -14.72
N ASP A 51 -4.25 -30.11 -14.65
CA ASP A 51 -4.10 -29.10 -15.70
C ASP A 51 -2.63 -28.78 -15.91
N PRO A 52 -1.94 -29.55 -16.77
CA PRO A 52 -0.53 -29.28 -17.00
C PRO A 52 -0.26 -27.93 -17.65
N SER A 53 -1.23 -27.34 -18.36
CA SER A 53 -1.00 -26.01 -18.94
C SER A 53 -0.93 -24.95 -17.85
N ALA A 54 -1.81 -25.03 -16.85
CA ALA A 54 -1.74 -24.12 -15.72
C ALA A 54 -0.43 -24.31 -14.96
N GLN A 55 -0.04 -25.56 -14.73
CA GLN A 55 1.25 -25.82 -14.09
C GLN A 55 2.40 -25.24 -14.89
N GLN A 56 2.35 -25.35 -16.22
CA GLN A 56 3.43 -24.82 -17.05
C GLN A 56 3.54 -23.31 -16.93
N PHE A 57 2.41 -22.61 -16.95
CA PHE A 57 2.50 -21.17 -16.80
C PHE A 57 3.02 -20.79 -15.42
N CYS A 58 2.56 -21.48 -14.37
CA CYS A 58 3.09 -21.22 -13.04
C CYS A 58 4.61 -21.41 -13.01
N GLN A 59 5.12 -22.46 -13.68
CA GLN A 59 6.57 -22.67 -13.72
C GLN A 59 7.27 -21.55 -14.48
N TYR A 60 6.60 -21.04 -15.53
CA TYR A 60 7.13 -19.89 -16.27
C TYR A 60 7.23 -18.67 -15.36
N LEU A 61 6.23 -18.49 -14.49
CA LEU A 61 6.28 -17.38 -13.55
C LEU A 61 7.46 -17.53 -12.60
N ILE A 62 7.72 -18.75 -12.14
CA ILE A 62 8.89 -18.93 -11.28
C ILE A 62 10.16 -18.58 -12.04
N LYS A 63 10.23 -18.97 -13.32
CA LYS A 63 11.43 -18.73 -14.11
C LYS A 63 11.64 -17.24 -14.32
N HIS A 64 10.58 -16.46 -14.54
CA HIS A 64 10.74 -15.11 -15.06
C HIS A 64 10.25 -13.99 -14.15
N LYS A 65 9.37 -14.27 -13.19
CA LYS A 65 8.72 -13.24 -12.40
C LYS A 65 8.92 -13.44 -10.90
N SER A 66 9.94 -14.20 -10.50
CA SER A 66 10.16 -14.44 -9.08
C SER A 66 10.68 -13.21 -8.34
N ASN A 67 10.94 -12.09 -9.00
CA ASN A 67 11.51 -10.97 -8.27
C ASN A 67 10.48 -9.92 -7.86
N ASN A 68 9.19 -10.26 -7.93
CA ASN A 68 8.09 -9.45 -7.39
C ASN A 68 7.25 -10.36 -6.52
N VAL A 69 7.35 -10.21 -5.18
CA VAL A 69 6.73 -11.19 -4.29
C VAL A 69 5.92 -10.47 -3.21
N ILE A 70 5.02 -11.23 -2.60
CA ILE A 70 4.17 -10.69 -1.55
C ILE A 70 4.17 -11.68 -0.40
N THR A 71 4.29 -11.18 0.83
CA THR A 71 4.49 -12.00 2.01
C THR A 71 3.31 -11.82 2.95
N CYS A 72 2.82 -12.92 3.53
CA CYS A 72 1.73 -12.86 4.49
C CYS A 72 2.17 -12.07 5.71
N GLY A 73 1.19 -11.48 6.42
CA GLY A 73 1.48 -10.76 7.64
C GLY A 73 1.63 -9.26 7.49
N ASN A 74 2.64 -8.68 8.15
CA ASN A 74 2.80 -7.23 8.18
C ASN A 74 2.99 -6.66 6.78
N GLU A 75 3.75 -7.34 5.92
CA GLU A 75 3.98 -6.82 4.58
C GLU A 75 2.67 -6.70 3.81
N MET A 76 1.89 -7.77 3.77
CA MET A 76 0.60 -7.73 3.09
C MET A 76 -0.31 -6.68 3.72
N LEU A 77 -0.25 -6.54 5.05
CA LEU A 77 -1.08 -5.54 5.71
C LEU A 77 -0.73 -4.14 5.22
N ASN A 78 0.56 -3.82 5.16
CA ASN A 78 0.98 -2.50 4.69
C ASN A 78 0.69 -2.30 3.20
N GLU A 79 0.87 -3.36 2.39
CA GLU A 79 0.78 -3.24 0.95
C GLU A 79 -0.66 -3.24 0.43
N LEU A 80 -1.49 -4.14 0.96
CA LEU A 80 -2.82 -4.44 0.46
C LEU A 80 -3.92 -4.09 1.45
N GLY A 81 -3.59 -3.87 2.71
CA GLY A 81 -4.59 -3.54 3.71
C GLY A 81 -5.08 -4.69 4.54
N TYR A 82 -4.47 -5.87 4.42
CA TYR A 82 -4.90 -7.04 5.16
C TYR A 82 -3.73 -8.00 5.35
N SER A 83 -3.80 -8.79 6.41
CA SER A 83 -2.67 -9.65 6.74
C SER A 83 -2.69 -10.96 5.98
N GLY A 84 -3.85 -11.36 5.45
CA GLY A 84 -4.02 -12.68 4.87
C GLY A 84 -4.44 -13.73 5.86
N TYR A 85 -4.34 -13.47 7.15
CA TYR A 85 -4.67 -14.44 8.17
C TYR A 85 -6.09 -14.22 8.67
N PHE A 86 -6.69 -15.30 9.17
CA PHE A 86 -8.10 -15.28 9.56
C PHE A 86 -8.98 -14.74 8.43
N MET A 87 -8.70 -15.16 7.20
CA MET A 87 -9.60 -14.83 6.09
C MET A 87 -9.55 -15.90 5.00
N SER A 88 -9.81 -17.13 5.39
CA SER A 88 -10.07 -18.17 4.41
C SER A 88 -11.15 -17.69 3.42
N PRO A 89 -11.05 -18.03 2.14
CA PRO A 89 -10.07 -18.96 1.56
C PRO A 89 -8.74 -18.37 1.12
N HIS A 90 -8.31 -17.23 1.66
CA HIS A 90 -7.03 -16.66 1.27
C HIS A 90 -5.91 -17.65 1.58
N TRP A 91 -4.92 -17.72 0.68
CA TRP A 91 -3.86 -18.71 0.77
C TRP A 91 -3.07 -18.60 2.08
N CYS A 92 -2.91 -17.38 2.60
CA CYS A 92 -2.16 -17.22 3.86
C CYS A 92 -2.85 -17.95 5.01
N SER A 93 -4.17 -18.05 4.97
CA SER A 93 -4.90 -18.70 6.05
C SER A 93 -4.76 -20.22 6.04
N ASP A 94 -4.10 -20.81 5.05
CA ASP A 94 -3.79 -22.24 5.12
C ASP A 94 -2.48 -22.53 5.86
N PHE A 95 -1.78 -21.51 6.33
CA PHE A 95 -0.47 -21.65 6.97
C PHE A 95 -0.47 -21.05 8.36
N SER A 96 0.68 -21.19 9.02
CA SER A 96 0.95 -20.60 10.31
C SER A 96 1.39 -19.14 10.14
N ASN A 97 1.02 -18.31 11.12
CA ASN A 97 1.44 -16.92 11.15
C ASN A 97 2.70 -16.74 11.98
N MET A 98 3.26 -17.84 12.47
CA MET A 98 4.58 -17.88 13.11
C MET A 98 4.66 -17.02 14.35
N GLU A 99 3.52 -16.62 14.90
CA GLU A 99 3.48 -15.85 16.13
C GLU A 99 4.00 -16.69 17.29
N ASP B 5 -10.96 3.84 9.13
CA ASP B 5 -9.85 4.79 9.17
C ASP B 5 -10.25 6.04 9.93
N ASP B 6 -9.54 6.30 11.03
CA ASP B 6 -9.78 7.48 11.85
C ASP B 6 -9.52 8.76 11.07
N ILE B 7 -10.52 9.66 11.06
CA ILE B 7 -10.38 10.94 10.36
C ILE B 7 -9.43 11.89 11.06
N PHE B 8 -9.03 11.60 12.29
CA PHE B 8 -8.03 12.38 13.01
C PHE B 8 -6.62 11.81 12.86
N GLU B 9 -6.45 10.78 12.04
CA GLU B 9 -5.15 10.18 11.77
C GLU B 9 -4.78 10.40 10.31
N PHE B 10 -3.47 10.59 10.07
CA PHE B 10 -2.98 10.89 8.73
C PHE B 10 -3.27 9.77 7.75
N LYS B 11 -3.60 10.15 6.52
CA LYS B 11 -3.66 9.19 5.44
C LYS B 11 -3.22 9.90 4.17
N CYS B 12 -2.75 9.12 3.20
CA CYS B 12 -2.29 9.70 1.95
C CYS B 12 -3.51 10.00 1.10
N VAL B 13 -3.84 11.30 0.96
CA VAL B 13 -5.03 11.76 0.27
C VAL B 13 -4.62 12.23 -1.13
N ASP B 14 -5.33 11.70 -2.14
CA ASP B 14 -5.09 11.96 -3.56
C ASP B 14 -5.78 13.25 -3.99
N PHE B 15 -4.99 14.26 -4.35
CA PHE B 15 -5.54 15.49 -4.91
C PHE B 15 -5.43 15.56 -6.43
N GLY B 16 -5.07 14.44 -7.07
CA GLY B 16 -4.94 14.43 -8.52
C GLY B 16 -3.50 14.51 -8.98
N ALA B 17 -2.98 15.72 -9.06
CA ALA B 17 -1.60 15.89 -9.48
C ALA B 17 -0.61 15.52 -8.38
N TYR B 18 -1.08 15.31 -7.15
CA TYR B 18 -0.19 15.06 -6.03
C TYR B 18 -0.94 14.38 -4.88
N PHE B 19 -0.15 13.78 -4.00
CA PHE B 19 -0.62 13.30 -2.70
C PHE B 19 -0.23 14.29 -1.63
N ILE B 20 -1.06 14.40 -0.59
CA ILE B 20 -0.60 14.97 0.68
C ILE B 20 -1.00 14.03 1.80
N ALA B 21 -0.19 13.99 2.85
CA ALA B 21 -0.56 13.27 4.07
C ALA B 21 -1.44 14.19 4.90
N MET B 22 -2.72 13.82 5.06
CA MET B 22 -3.71 14.75 5.61
C MET B 22 -4.60 14.06 6.63
N ARG B 23 -5.15 14.88 7.53
CA ARG B 23 -6.09 14.46 8.56
C ARG B 23 -6.92 15.69 8.92
N LEU B 24 -7.85 15.51 9.86
CA LEU B 24 -8.58 16.65 10.41
C LEU B 24 -8.01 16.96 11.79
N ASP B 25 -7.86 18.25 12.07
CA ASP B 25 -7.36 18.65 13.38
C ASP B 25 -8.34 18.20 14.46
N LYS B 26 -7.80 17.53 15.47
CA LYS B 26 -8.44 17.30 16.77
C LYS B 26 -9.33 18.45 17.25
N LYS B 27 -8.78 19.65 17.37
CA LYS B 27 -9.49 20.72 18.08
C LYS B 27 -10.45 21.48 17.17
N THR B 28 -10.08 21.71 15.91
CA THR B 28 -10.83 22.61 15.04
C THR B 28 -11.53 21.91 13.89
N TYR B 29 -11.30 20.61 13.71
CA TYR B 29 -11.79 19.80 12.58
C TYR B 29 -11.33 20.34 11.23
N LEU B 30 -10.38 21.29 11.21
CA LEU B 30 -9.85 21.85 9.97
C LEU B 30 -8.83 20.92 9.32
N PRO B 31 -8.70 20.96 7.99
CA PRO B 31 -7.72 20.09 7.33
C PRO B 31 -6.31 20.44 7.76
N GLN B 32 -5.51 19.39 7.97
CA GLN B 32 -4.17 19.48 8.50
C GLN B 32 -3.28 18.53 7.71
N ALA B 33 -2.09 18.97 7.30
CA ALA B 33 -1.21 18.16 6.46
C ALA B 33 0.22 18.11 6.99
N ILE B 34 0.92 17.03 6.67
CA ILE B 34 2.35 17.00 6.97
C ILE B 34 3.04 18.12 6.20
N ARG B 35 3.83 18.91 6.92
CA ARG B 35 4.43 20.15 6.43
C ARG B 35 5.83 19.90 5.90
N ARG B 36 6.18 20.59 4.81
CA ARG B 36 7.52 20.49 4.23
C ARG B 36 8.40 21.58 4.85
N GLY B 37 9.07 21.23 5.95
CA GLY B 37 9.95 22.18 6.61
C GLY B 37 9.15 23.35 7.16
N THR B 38 9.59 24.57 6.82
CA THR B 38 8.88 25.78 7.22
C THR B 38 7.86 26.21 6.19
N GLY B 39 7.70 25.47 5.10
CA GLY B 39 6.78 25.87 4.06
C GLY B 39 5.37 25.32 4.21
N ASP B 40 4.77 24.99 3.09
CA ASP B 40 3.38 24.54 3.04
C ASP B 40 3.36 23.01 3.20
N ALA B 41 2.21 22.42 2.92
CA ALA B 41 2.09 20.96 2.96
C ALA B 41 3.09 20.30 2.03
N TRP B 42 3.60 19.14 2.45
CA TRP B 42 4.53 18.37 1.66
C TRP B 42 3.73 17.66 0.57
N MET B 43 3.78 18.19 -0.64
CA MET B 43 3.04 17.62 -1.77
C MET B 43 3.95 16.65 -2.51
N VAL B 44 3.46 15.44 -2.74
CA VAL B 44 4.20 14.42 -3.46
C VAL B 44 3.62 14.32 -4.86
N LYS B 45 4.34 14.84 -5.85
CA LYS B 45 3.76 14.93 -7.18
C LYS B 45 3.72 13.57 -7.85
N LYS B 46 2.66 13.36 -8.60
CA LYS B 46 2.34 12.07 -9.21
C LYS B 46 2.63 12.11 -10.70
N ALA B 47 3.20 11.02 -11.22
CA ALA B 47 3.46 10.93 -12.66
C ALA B 47 2.22 10.60 -13.47
N ALA B 48 1.25 9.95 -12.85
CA ALA B 48 0.02 9.57 -13.53
C ALA B 48 -1.08 9.49 -12.49
N LYS B 49 -2.32 9.30 -12.97
CA LYS B 49 -3.44 9.20 -12.05
C LYS B 49 -3.21 8.12 -11.00
N VAL B 50 -2.53 7.04 -11.37
CA VAL B 50 -2.08 6.05 -10.40
C VAL B 50 -0.55 6.08 -10.37
N ASP B 51 0.00 6.33 -9.18
CA ASP B 51 1.45 6.45 -8.99
C ASP B 51 1.78 5.86 -7.64
N PRO B 52 1.98 4.54 -7.57
CA PRO B 52 2.30 3.90 -6.27
C PRO B 52 3.62 4.36 -5.69
N SER B 53 4.59 4.78 -6.50
CA SER B 53 5.84 5.28 -5.94
C SER B 53 5.61 6.58 -5.17
N ALA B 54 4.80 7.49 -5.73
CA ALA B 54 4.45 8.71 -5.01
C ALA B 54 3.68 8.40 -3.73
N GLN B 55 2.71 7.49 -3.81
CA GLN B 55 1.97 7.08 -2.62
C GLN B 55 2.91 6.52 -1.56
N GLN B 56 3.90 5.73 -1.98
CA GLN B 56 4.84 5.13 -1.04
C GLN B 56 5.65 6.20 -0.33
N PHE B 57 6.07 7.23 -1.07
CA PHE B 57 6.79 8.31 -0.40
C PHE B 57 5.90 9.00 0.62
N CYS B 58 4.64 9.23 0.25
CA CYS B 58 3.69 9.79 1.21
C CYS B 58 3.56 8.91 2.47
N GLN B 59 3.59 7.60 2.29
CA GLN B 59 3.57 6.71 3.46
C GLN B 59 4.83 6.86 4.30
N TYR B 60 5.98 7.04 3.65
CA TYR B 60 7.21 7.35 4.38
C TYR B 60 7.06 8.63 5.19
N LEU B 61 6.41 9.65 4.62
CA LEU B 61 6.19 10.87 5.38
C LEU B 61 5.33 10.60 6.61
N ILE B 62 4.30 9.78 6.47
CA ILE B 62 3.45 9.48 7.63
C ILE B 62 4.26 8.74 8.70
N LYS B 63 5.12 7.81 8.30
CA LYS B 63 5.89 7.03 9.28
C LYS B 63 6.96 7.89 9.97
N HIS B 64 7.64 8.76 9.24
CA HIS B 64 8.85 9.40 9.76
C HIS B 64 8.83 10.92 9.85
N LYS B 65 7.87 11.61 9.23
CA LYS B 65 7.87 13.06 9.16
C LYS B 65 6.57 13.66 9.68
N SER B 66 5.79 12.89 10.45
CA SER B 66 4.45 13.31 10.83
C SER B 66 4.41 14.29 12.01
N ASN B 67 5.55 14.66 12.58
CA ASN B 67 5.52 15.57 13.71
C ASN B 67 5.80 17.02 13.32
N ASN B 68 5.73 17.36 12.02
CA ASN B 68 5.77 18.74 11.55
C ASN B 68 4.57 18.93 10.64
N VAL B 69 3.53 19.63 11.11
CA VAL B 69 2.26 19.69 10.38
C VAL B 69 1.78 21.14 10.27
N ILE B 70 0.89 21.36 9.31
CA ILE B 70 0.37 22.71 9.04
C ILE B 70 -1.14 22.60 8.83
N THR B 71 -1.88 23.57 9.36
CA THR B 71 -3.33 23.55 9.38
C THR B 71 -3.89 24.70 8.56
N CYS B 72 -4.96 24.42 7.81
CA CYS B 72 -5.64 25.45 7.04
C CYS B 72 -6.25 26.49 7.97
N GLY B 73 -6.38 27.71 7.47
CA GLY B 73 -7.01 28.78 8.24
C GLY B 73 -6.04 29.68 8.96
N ASN B 74 -6.34 29.99 10.23
CA ASN B 74 -5.55 30.96 10.98
C ASN B 74 -4.10 30.52 11.14
N GLU B 75 -3.85 29.23 11.40
CA GLU B 75 -2.47 28.80 11.56
C GLU B 75 -1.66 29.05 10.30
N MET B 76 -2.19 28.63 9.14
CA MET B 76 -1.49 28.88 7.88
C MET B 76 -1.33 30.37 7.64
N LEU B 77 -2.34 31.15 8.02
CA LEU B 77 -2.23 32.60 7.84
C LEU B 77 -1.06 33.15 8.66
N ASN B 78 -0.95 32.73 9.92
CA ASN B 78 0.13 33.21 10.78
C ASN B 78 1.50 32.73 10.29
N GLU B 79 1.58 31.49 9.80
CA GLU B 79 2.86 30.89 9.44
C GLU B 79 3.36 31.33 8.07
N LEU B 80 2.46 31.35 7.07
CA LEU B 80 2.84 31.53 5.68
C LEU B 80 2.33 32.80 5.05
N GLY B 81 1.36 33.48 5.66
CA GLY B 81 0.80 34.69 5.09
C GLY B 81 -0.47 34.51 4.30
N TYR B 82 -1.06 33.32 4.31
CA TYR B 82 -2.31 33.07 3.57
C TYR B 82 -3.06 31.95 4.26
N SER B 83 -4.38 31.95 4.10
CA SER B 83 -5.21 30.99 4.81
C SER B 83 -5.31 29.65 4.11
N GLY B 84 -4.99 29.59 2.83
CA GLY B 84 -5.24 28.42 2.03
C GLY B 84 -6.61 28.39 1.39
N TYR B 85 -7.53 29.24 1.84
CA TYR B 85 -8.89 29.28 1.33
C TYR B 85 -9.02 30.37 0.26
N PHE B 86 -9.99 30.19 -0.64
CA PHE B 86 -10.20 31.09 -1.77
C PHE B 86 -8.93 31.26 -2.59
N MET B 87 -8.19 30.17 -2.76
CA MET B 87 -7.00 30.19 -3.62
C MET B 87 -6.78 28.83 -4.27
N SER B 88 -7.85 28.23 -4.79
CA SER B 88 -7.70 27.05 -5.63
C SER B 88 -6.68 27.33 -6.72
N PRO B 89 -5.75 26.42 -7.00
CA PRO B 89 -5.69 24.98 -6.66
C PRO B 89 -5.06 24.54 -5.32
N HIS B 90 -5.11 25.36 -4.29
CA HIS B 90 -4.47 25.01 -3.03
C HIS B 90 -5.24 23.88 -2.33
N TRP B 91 -4.50 23.02 -1.63
CA TRP B 91 -5.12 21.86 -1.01
C TRP B 91 -6.21 22.25 -0.01
N CYS B 92 -6.07 23.40 0.66
CA CYS B 92 -7.12 23.80 1.58
C CYS B 92 -8.39 24.18 0.83
N SER B 93 -8.24 24.81 -0.34
CA SER B 93 -9.42 25.19 -1.10
C SER B 93 -9.97 24.05 -1.92
N ASP B 94 -9.14 23.09 -2.28
CA ASP B 94 -9.63 21.94 -3.01
C ASP B 94 -10.06 20.79 -2.11
N PHE B 95 -9.96 20.96 -0.79
CA PHE B 95 -10.40 19.92 0.12
C PHE B 95 -11.90 19.70 -0.04
N SER B 96 -12.65 20.77 -0.30
CA SER B 96 -14.08 20.64 -0.56
C SER B 96 -14.32 20.20 -2.00
N ASN B 97 -15.28 19.28 -2.17
CA ASN B 97 -15.67 18.76 -3.46
C ASN B 97 -16.92 19.49 -3.97
#